data_4MCI
#
_entry.id   4MCI
#
_cell.length_a   163.993
_cell.length_b   163.993
_cell.length_c   58.900
_cell.angle_alpha   90.000
_cell.angle_beta   90.000
_cell.angle_gamma   120.000
#
_symmetry.space_group_name_H-M   'H 3 2'
#
loop_
_entity.id
_entity.type
_entity.pdbx_description
1 polymer 'Uridine phosphorylase'
2 non-polymer 'SULFATE ION'
3 non-polymer 'DIMETHYL SULFOXIDE'
4 water water
#
_entity_poly.entity_id   1
_entity_poly.type   'polypeptide(L)'
_entity_poly.pdbx_seq_one_letter_code
;(MSE)HHHHHHSSGVDLGTENLYFQS(MSE)SKQPHICVDENQVSPYVIVCGEPDRVNRIVEL(MSE)DNVELLAENREY
RVFNGVYKGTTITICSTGIGAPS(MSE)IIAVEELKLCGATHVIRVGSAGA(MSE)QDHIQLGELIVAEGAVRDEGGSKA
YISSAYPAYASFALLKEISHFLENQSVKYYFGVVRSHDSFYTDEEDQLCQYWNKKGILGAD(MSE)ETSALFTVGRLRGL
QVASILNNVVLYQQDVKEGVNQYVNDNKA(MSE)(MSE)NGERLAAITALETLCKQGA
;
_entity_poly.pdbx_strand_id   A
#
loop_
_chem_comp.id
_chem_comp.type
_chem_comp.name
_chem_comp.formula
DMS non-polymer 'DIMETHYL SULFOXIDE' 'C2 H6 O S'
SO4 non-polymer 'SULFATE ION' 'O4 S -2'
#
# COMPACT_ATOMS: atom_id res chain seq x y z
N LEU A 18 -0.12 15.23 -28.14
CA LEU A 18 -1.08 16.13 -27.43
C LEU A 18 -2.50 15.56 -27.42
N TYR A 19 -3.05 15.34 -28.61
CA TYR A 19 -4.42 14.83 -28.77
C TYR A 19 -4.45 13.31 -28.68
N PHE A 20 -3.49 12.66 -29.36
CA PHE A 20 -3.37 11.20 -29.40
C PHE A 20 -3.04 10.61 -28.03
N GLN A 21 -2.48 11.42 -27.14
CA GLN A 21 -2.23 10.99 -25.76
C GLN A 21 -3.52 10.85 -24.94
N SER A 22 -4.41 11.83 -25.04
CA SER A 22 -5.74 11.74 -24.41
C SER A 22 -6.50 10.52 -24.92
N MSE A 23 -6.25 10.21 -26.18
CA MSE A 23 -6.70 8.99 -26.78
C MSE A 23 -6.07 7.74 -26.25
O MSE A 23 -6.81 6.80 -26.03
CB MSE A 23 -6.46 9.17 -28.28
CG MSE A 23 -7.23 8.20 -29.16
SE MSE A 23 -7.76 9.01 -30.88
CE MSE A 23 -9.64 9.19 -30.43
N SER A 24 -4.76 7.69 -26.05
CA SER A 24 -4.02 6.48 -25.64
C SER A 24 -3.90 6.24 -24.12
N LYS A 25 -3.78 7.30 -23.33
CA LYS A 25 -3.45 7.18 -21.91
C LYS A 25 -4.67 7.09 -21.01
N GLN A 26 -4.56 6.32 -19.94
CA GLN A 26 -5.57 6.36 -18.88
C GLN A 26 -5.73 7.81 -18.37
N PRO A 27 -6.97 8.26 -18.10
CA PRO A 27 -7.20 9.69 -17.84
C PRO A 27 -6.66 10.23 -16.49
N HIS A 28 -6.26 9.37 -15.55
CA HIS A 28 -5.71 9.84 -14.27
C HIS A 28 -4.25 9.47 -14.02
N ILE A 29 -3.92 8.19 -14.17
CA ILE A 29 -2.53 7.77 -14.00
C ILE A 29 -1.67 8.14 -15.23
N CYS A 30 -2.35 8.44 -16.35
CA CYS A 30 -1.72 9.02 -17.54
C CYS A 30 -0.65 8.15 -18.21
N VAL A 31 -0.85 6.84 -18.10
CA VAL A 31 0.00 5.87 -18.80
C VAL A 31 -0.84 4.87 -19.58
N ASP A 32 -0.19 4.00 -20.33
CA ASP A 32 -0.89 3.04 -21.19
C ASP A 32 -0.33 1.62 -21.02
N GLU A 33 -0.92 0.66 -21.74
CA GLU A 33 -0.58 -0.75 -21.59
C GLU A 33 0.85 -1.10 -22.05
N ASN A 34 1.47 -0.22 -22.84
CA ASN A 34 2.87 -0.43 -23.23
C ASN A 34 3.86 -0.03 -22.15
N GLN A 35 3.36 0.66 -21.13
CA GLN A 35 4.21 1.29 -20.13
C GLN A 35 4.15 0.56 -18.80
N VAL A 36 2.96 0.07 -18.45
CA VAL A 36 2.72 -0.55 -17.16
C VAL A 36 3.15 -2.01 -17.13
N SER A 37 3.94 -2.35 -16.12
CA SER A 37 4.33 -3.72 -15.88
C SER A 37 3.16 -4.51 -15.27
N PRO A 38 3.17 -5.85 -15.44
CA PRO A 38 2.22 -6.68 -14.67
C PRO A 38 2.40 -6.55 -13.15
N TYR A 39 3.60 -6.13 -12.73
CA TYR A 39 3.96 -6.03 -11.32
C TYR A 39 4.05 -4.58 -10.89
N VAL A 40 3.23 -4.22 -9.90
CA VAL A 40 3.03 -2.83 -9.49
C VAL A 40 3.13 -2.68 -7.97
N ILE A 41 3.82 -1.62 -7.55
CA ILE A 41 3.75 -1.16 -6.18
C ILE A 41 2.99 0.17 -6.18
N VAL A 42 2.00 0.26 -5.30
CA VAL A 42 1.28 1.51 -5.09
C VAL A 42 1.57 2.05 -3.67
N CYS A 43 1.67 3.37 -3.54
CA CYS A 43 1.79 3.99 -2.22
C CYS A 43 0.96 5.27 -2.26
N GLY A 44 0.68 5.85 -1.09
CA GLY A 44 -0.11 7.07 -1.04
C GLY A 44 0.66 8.33 -1.40
N GLU A 45 1.92 8.39 -0.97
CA GLU A 45 2.71 9.60 -1.03
C GLU A 45 3.53 9.72 -2.32
N PRO A 46 3.29 10.77 -3.13
CA PRO A 46 4.05 10.92 -4.38
C PRO A 46 5.57 10.86 -4.16
N ASP A 47 6.07 11.54 -3.13
CA ASP A 47 7.52 11.58 -2.86
C ASP A 47 8.11 10.24 -2.48
N ARG A 48 7.28 9.32 -1.99
CA ARG A 48 7.79 8.00 -1.64
C ARG A 48 8.20 7.23 -2.92
N VAL A 49 7.53 7.51 -4.04
CA VAL A 49 7.87 6.88 -5.32
C VAL A 49 9.33 7.18 -5.68
N ASN A 50 9.74 8.43 -5.55
CA ASN A 50 11.15 8.81 -5.74
C ASN A 50 12.11 8.07 -4.80
N ARG A 51 11.64 7.77 -3.59
CA ARG A 51 12.48 7.10 -2.61
C ARG A 51 12.57 5.62 -2.94
N ILE A 52 11.47 5.05 -3.42
CA ILE A 52 11.45 3.64 -3.80
C ILE A 52 12.36 3.38 -5.01
N VAL A 53 12.28 4.24 -6.03
CA VAL A 53 13.05 3.99 -7.26
C VAL A 53 14.56 4.07 -7.01
N GLU A 54 14.97 4.71 -5.92
CA GLU A 54 16.37 4.71 -5.51
C GLU A 54 16.92 3.30 -5.32
N LEU A 55 16.02 2.36 -5.03
CA LEU A 55 16.39 0.96 -4.84
C LEU A 55 16.47 0.18 -6.16
N MSE A 56 16.15 0.83 -7.27
CA MSE A 56 16.00 0.13 -8.56
C MSE A 56 16.94 0.66 -9.60
O MSE A 56 17.40 1.79 -9.51
CB MSE A 56 14.56 0.33 -9.06
CG MSE A 56 13.55 -0.08 -8.00
SE MSE A 56 11.72 0.46 -8.50
CE MSE A 56 11.40 -1.10 -9.65
N ASP A 57 17.20 -0.15 -10.63
CA ASP A 57 17.96 0.26 -11.81
C ASP A 57 17.06 0.61 -13.00
N ASN A 58 17.62 1.27 -14.02
CA ASN A 58 16.92 1.58 -15.28
C ASN A 58 15.62 2.37 -15.06
N VAL A 59 15.68 3.33 -14.14
CA VAL A 59 14.51 4.07 -13.68
C VAL A 59 14.05 5.12 -14.69
N GLU A 60 12.75 5.21 -14.92
CA GLU A 60 12.21 6.27 -15.75
C GLU A 60 10.87 6.77 -15.24
N LEU A 61 10.71 8.08 -15.33
CA LEU A 61 9.45 8.75 -15.05
C LEU A 61 8.52 8.48 -16.22
N LEU A 62 7.32 7.98 -15.92
CA LEU A 62 6.29 7.78 -16.93
C LEU A 62 5.25 8.91 -16.95
N ALA A 63 4.79 9.32 -15.77
CA ALA A 63 3.69 10.28 -15.69
C ALA A 63 3.64 10.99 -14.35
N GLU A 64 3.15 12.22 -14.39
CA GLU A 64 2.90 13.00 -13.19
C GLU A 64 1.60 13.73 -13.45
N ASN A 65 0.56 13.38 -12.69
CA ASN A 65 -0.74 14.02 -12.84
C ASN A 65 -1.49 13.96 -11.52
N ARG A 66 -1.85 15.14 -11.01
CA ARG A 66 -2.48 15.26 -9.71
C ARG A 66 -1.68 14.47 -8.63
N GLU A 67 -2.32 13.60 -7.84
CA GLU A 67 -1.59 12.81 -6.84
C GLU A 67 -0.93 11.55 -7.40
N TYR A 68 -0.99 11.38 -8.72
CA TYR A 68 -0.47 10.15 -9.34
C TYR A 68 0.91 10.36 -9.98
N ARG A 69 1.93 9.80 -9.33
CA ARG A 69 3.30 9.89 -9.83
C ARG A 69 3.70 8.48 -10.22
N VAL A 70 4.07 8.30 -11.48
CA VAL A 70 4.27 6.96 -12.05
C VAL A 70 5.67 6.80 -12.62
N PHE A 71 6.36 5.77 -12.15
CA PHE A 71 7.74 5.43 -12.58
C PHE A 71 7.81 3.94 -12.88
N ASN A 72 8.73 3.56 -13.76
CA ASN A 72 9.19 2.19 -13.90
C ASN A 72 10.63 2.06 -13.42
N GLY A 73 11.00 0.85 -13.00
CA GLY A 73 12.36 0.54 -12.66
C GLY A 73 12.52 -0.96 -12.72
N VAL A 74 13.78 -1.40 -12.57
CA VAL A 74 14.09 -2.82 -12.63
C VAL A 74 14.73 -3.26 -11.31
N TYR A 75 14.24 -4.37 -10.79
CA TYR A 75 14.78 -4.94 -9.56
C TYR A 75 15.09 -6.42 -9.81
N LYS A 76 16.36 -6.78 -9.68
CA LYS A 76 16.87 -8.12 -10.01
C LYS A 76 16.25 -8.69 -11.32
N GLY A 77 16.28 -7.88 -12.38
CA GLY A 77 15.93 -8.36 -13.73
C GLY A 77 14.47 -8.21 -14.14
N THR A 78 13.64 -7.77 -13.19
CA THR A 78 12.18 -7.66 -13.38
C THR A 78 11.75 -6.19 -13.39
N THR A 79 11.05 -5.79 -14.45
CA THR A 79 10.45 -4.46 -14.52
C THR A 79 9.22 -4.36 -13.60
N ILE A 80 9.21 -3.35 -12.74
CA ILE A 80 8.13 -3.07 -11.78
C ILE A 80 7.71 -1.60 -11.88
N THR A 81 6.40 -1.37 -11.97
CA THR A 81 5.84 -0.02 -11.99
C THR A 81 5.58 0.46 -10.55
N ILE A 82 5.98 1.70 -10.25
CA ILE A 82 5.69 2.32 -8.96
C ILE A 82 4.75 3.51 -9.19
N CYS A 83 3.64 3.53 -8.46
CA CYS A 83 2.55 4.50 -8.68
C CYS A 83 2.04 5.04 -7.34
N SER A 84 2.06 6.35 -7.16
CA SER A 84 1.43 6.96 -5.97
C SER A 84 -0.08 7.11 -6.24
N THR A 85 -0.88 7.09 -5.18
CA THR A 85 -2.35 7.18 -5.34
C THR A 85 -3.05 8.23 -4.44
N GLY A 86 -2.28 8.95 -3.63
CA GLY A 86 -2.89 9.93 -2.72
C GLY A 86 -3.53 9.25 -1.50
N ILE A 87 -4.27 10.02 -0.72
CA ILE A 87 -4.88 9.49 0.50
C ILE A 87 -6.33 9.09 0.21
N GLY A 88 -6.73 7.89 0.60
CA GLY A 88 -8.16 7.56 0.64
C GLY A 88 -8.54 6.51 -0.41
N ALA A 89 -9.60 5.75 -0.10
CA ALA A 89 -10.09 4.70 -1.02
C ALA A 89 -10.43 5.21 -2.42
N PRO A 90 -11.10 6.37 -2.52
CA PRO A 90 -11.52 6.74 -3.90
C PRO A 90 -10.37 6.97 -4.88
N SER A 91 -9.31 7.64 -4.43
CA SER A 91 -8.15 7.89 -5.27
C SER A 91 -7.35 6.58 -5.51
N MSE A 92 -7.26 5.72 -4.48
CA MSE A 92 -6.71 4.35 -4.65
C MSE A 92 -7.44 3.56 -5.75
O MSE A 92 -6.80 2.92 -6.58
CB MSE A 92 -6.81 3.54 -3.37
CG MSE A 92 -6.60 2.01 -3.49
SE MSE A 92 -4.76 1.59 -4.09
CE MSE A 92 -3.94 1.55 -2.29
N ILE A 93 -8.76 3.60 -5.71
CA ILE A 93 -9.59 2.81 -6.62
C ILE A 93 -9.42 3.25 -8.08
N ILE A 94 -9.33 4.57 -8.29
CA ILE A 94 -9.04 5.08 -9.63
C ILE A 94 -7.74 4.45 -10.17
N ALA A 95 -6.71 4.41 -9.35
CA ALA A 95 -5.39 3.87 -9.75
C ALA A 95 -5.46 2.37 -10.02
N VAL A 96 -6.12 1.64 -9.13
CA VAL A 96 -6.29 0.21 -9.30
C VAL A 96 -7.02 -0.08 -10.63
N GLU A 97 -8.15 0.57 -10.87
CA GLU A 97 -8.91 0.33 -12.10
C GLU A 97 -8.08 0.61 -13.36
N GLU A 98 -7.36 1.73 -13.36
CA GLU A 98 -6.59 2.18 -14.51
C GLU A 98 -5.34 1.32 -14.74
N LEU A 99 -4.68 0.93 -13.66
CA LEU A 99 -3.56 -0.02 -13.74
C LEU A 99 -3.98 -1.36 -14.30
N LYS A 100 -5.14 -1.86 -13.86
CA LYS A 100 -5.69 -3.10 -14.36
C LYS A 100 -5.93 -3.00 -15.89
N LEU A 101 -6.54 -1.91 -16.33
CA LEU A 101 -6.73 -1.62 -17.73
C LEU A 101 -5.39 -1.61 -18.49
N CYS A 102 -4.31 -1.25 -17.80
CA CYS A 102 -3.01 -1.24 -18.45
C CYS A 102 -2.24 -2.55 -18.33
N GLY A 103 -2.88 -3.61 -17.82
CA GLY A 103 -2.21 -4.93 -17.78
C GLY A 103 -1.57 -5.35 -16.47
N ALA A 104 -1.79 -4.60 -15.40
CA ALA A 104 -1.37 -5.03 -14.06
C ALA A 104 -2.03 -6.37 -13.71
N THR A 105 -1.26 -7.23 -13.05
CA THR A 105 -1.71 -8.54 -12.55
C THR A 105 -1.40 -8.75 -11.06
N HIS A 106 -0.33 -8.13 -10.58
CA HIS A 106 0.07 -8.23 -9.17
C HIS A 106 0.28 -6.82 -8.63
N VAL A 107 -0.41 -6.49 -7.54
CA VAL A 107 -0.30 -5.15 -6.95
C VAL A 107 -0.04 -5.21 -5.45
N ILE A 108 1.05 -4.59 -4.98
CA ILE A 108 1.35 -4.53 -3.54
C ILE A 108 1.31 -3.09 -3.04
N ARG A 109 0.44 -2.79 -2.09
CA ARG A 109 0.48 -1.53 -1.36
C ARG A 109 1.67 -1.47 -0.39
N VAL A 110 2.47 -0.42 -0.54
CA VAL A 110 3.50 -0.09 0.44
C VAL A 110 3.07 1.21 1.11
N GLY A 111 2.59 1.12 2.33
CA GLY A 111 1.89 2.24 2.90
C GLY A 111 2.22 2.50 4.36
N SER A 112 1.41 3.34 4.99
CA SER A 112 1.53 3.67 6.42
C SER A 112 0.27 3.24 7.15
N ALA A 113 0.43 2.97 8.45
CA ALA A 113 -0.70 2.66 9.31
C ALA A 113 -0.47 3.27 10.71
N GLY A 114 -1.56 3.41 11.45
CA GLY A 114 -1.52 3.77 12.87
C GLY A 114 -1.81 2.53 13.68
N ALA A 115 -0.92 2.20 14.62
CA ALA A 115 -1.07 0.98 15.44
C ALA A 115 -2.36 1.00 16.27
N MSE A 116 -2.99 -0.17 16.37
CA MSE A 116 -4.21 -0.34 17.16
C MSE A 116 -3.99 -1.26 18.34
O MSE A 116 -4.93 -1.66 19.03
CB MSE A 116 -5.30 -0.90 16.25
CG MSE A 116 -5.87 0.16 15.31
SE MSE A 116 -6.82 1.57 16.33
CE MSE A 116 -5.92 3.09 15.43
N GLN A 117 -2.72 -1.62 18.57
CA GLN A 117 -2.29 -2.44 19.71
C GLN A 117 -1.06 -1.81 20.38
N ASP A 118 -0.98 -1.96 21.70
CA ASP A 118 0.07 -1.36 22.56
C ASP A 118 1.53 -1.56 22.17
N HIS A 119 1.92 -2.77 21.79
CA HIS A 119 3.37 -3.02 21.68
C HIS A 119 3.94 -3.03 20.26
N ILE A 120 3.22 -2.41 19.34
CA ILE A 120 3.73 -2.19 17.99
C ILE A 120 4.45 -0.84 17.92
N GLN A 121 5.75 -0.88 17.67
CA GLN A 121 6.56 0.33 17.68
C GLN A 121 6.57 1.03 16.34
N LEU A 122 7.00 2.28 16.35
CA LEU A 122 7.18 3.04 15.13
C LEU A 122 8.23 2.37 14.25
N GLY A 123 7.90 2.21 12.97
CA GLY A 123 8.81 1.63 12.00
C GLY A 123 8.77 0.12 11.99
N GLU A 124 7.96 -0.49 12.85
CA GLU A 124 7.70 -1.92 12.72
C GLU A 124 6.62 -2.12 11.64
N LEU A 125 6.54 -3.32 11.08
CA LEU A 125 5.66 -3.54 9.92
C LEU A 125 4.39 -4.31 10.27
N ILE A 126 3.29 -3.91 9.64
CA ILE A 126 2.04 -4.65 9.72
C ILE A 126 1.74 -5.18 8.32
N VAL A 127 1.60 -6.50 8.21
CA VAL A 127 1.27 -7.15 6.94
C VAL A 127 -0.21 -7.50 7.03
N ALA A 128 -1.03 -6.83 6.22
CA ALA A 128 -2.49 -7.06 6.25
C ALA A 128 -2.90 -8.35 5.56
N GLU A 129 -3.28 -9.35 6.35
CA GLU A 129 -3.86 -10.59 5.80
C GLU A 129 -5.29 -10.32 5.38
N GLY A 130 -5.97 -9.48 6.16
CA GLY A 130 -7.37 -9.14 5.96
C GLY A 130 -7.60 -7.70 6.35
N ALA A 131 -8.67 -7.10 5.85
CA ALA A 131 -9.00 -5.72 6.21
C ALA A 131 -10.49 -5.49 6.48
N VAL A 132 -10.79 -4.72 7.52
CA VAL A 132 -12.16 -4.31 7.81
C VAL A 132 -12.55 -3.27 6.78
N ARG A 133 -13.63 -3.51 6.03
CA ARG A 133 -14.08 -2.57 4.99
C ARG A 133 -14.95 -1.42 5.51
N ASP A 134 -14.36 -0.58 6.37
CA ASP A 134 -15.05 0.61 6.91
C ASP A 134 -14.84 1.87 6.05
N GLU A 135 -14.61 1.68 4.76
CA GLU A 135 -14.53 2.78 3.81
C GLU A 135 -15.61 2.57 2.73
N GLY A 136 -16.14 3.66 2.19
CA GLY A 136 -17.26 3.58 1.24
C GLY A 136 -16.88 3.14 -0.16
N GLY A 137 -15.61 3.28 -0.53
CA GLY A 137 -15.17 2.94 -1.90
C GLY A 137 -15.47 1.52 -2.37
N SER A 138 -15.07 0.55 -1.55
CA SER A 138 -15.31 -0.86 -1.86
C SER A 138 -16.81 -1.18 -1.85
N LYS A 139 -17.56 -0.52 -0.96
CA LYS A 139 -19.01 -0.70 -0.86
C LYS A 139 -19.77 -0.22 -2.09
N ALA A 140 -19.17 0.64 -2.89
CA ALA A 140 -19.78 1.05 -4.16
C ALA A 140 -19.80 -0.11 -5.15
N TYR A 141 -18.86 -1.05 -4.98
CA TYR A 141 -18.71 -2.18 -5.88
C TYR A 141 -19.53 -3.38 -5.47
N ILE A 142 -19.58 -3.63 -4.16
CA ILE A 142 -20.08 -4.89 -3.69
C ILE A 142 -20.43 -4.82 -2.21
N SER A 143 -21.44 -5.60 -1.83
CA SER A 143 -21.85 -5.76 -0.43
C SER A 143 -20.63 -5.87 0.48
N SER A 144 -20.71 -5.20 1.62
CA SER A 144 -19.65 -5.26 2.62
C SER A 144 -19.33 -6.69 3.09
N ALA A 145 -20.25 -7.64 2.88
CA ALA A 145 -20.04 -9.05 3.29
C ALA A 145 -18.89 -9.75 2.55
N TYR A 146 -18.57 -9.25 1.34
CA TYR A 146 -17.47 -9.77 0.55
C TYR A 146 -16.13 -9.50 1.26
N PRO A 147 -15.24 -10.51 1.33
CA PRO A 147 -14.00 -10.38 2.14
C PRO A 147 -12.90 -9.57 1.44
N ALA A 148 -12.25 -8.70 2.19
CA ALA A 148 -11.05 -8.05 1.75
C ALA A 148 -9.85 -8.79 2.36
N TYR A 149 -9.14 -9.54 1.52
CA TYR A 149 -8.02 -10.31 2.03
C TYR A 149 -6.89 -10.34 1.05
N ALA A 150 -5.70 -10.66 1.56
CA ALA A 150 -4.48 -10.65 0.75
C ALA A 150 -4.24 -11.99 0.05
N SER A 151 -3.61 -11.93 -1.12
CA SER A 151 -3.30 -13.15 -1.88
C SER A 151 -2.21 -14.01 -1.22
N PHE A 152 -2.51 -15.30 -1.12
CA PHE A 152 -1.64 -16.28 -0.52
C PHE A 152 -0.25 -16.32 -1.17
N ALA A 153 -0.21 -16.26 -2.50
CA ALA A 153 1.07 -16.34 -3.22
C ALA A 153 2.02 -15.19 -2.83
N LEU A 154 1.45 -14.02 -2.56
CA LEU A 154 2.23 -12.87 -2.18
C LEU A 154 2.59 -12.92 -0.69
N LEU A 155 1.64 -13.30 0.14
CA LEU A 155 1.89 -13.47 1.58
C LEU A 155 3.01 -14.49 1.84
N LYS A 156 3.02 -15.56 1.06
CA LYS A 156 4.05 -16.58 1.18
C LYS A 156 5.45 -15.97 1.00
N GLU A 157 5.61 -15.19 -0.05
CA GLU A 157 6.89 -14.56 -0.35
C GLU A 157 7.23 -13.43 0.63
N ILE A 158 6.20 -12.69 1.09
CA ILE A 158 6.43 -11.63 2.07
C ILE A 158 6.91 -12.24 3.39
N SER A 159 6.27 -13.33 3.80
CA SER A 159 6.60 -14.02 5.04
C SER A 159 8.00 -14.61 4.99
N HIS A 160 8.32 -15.29 3.88
CA HIS A 160 9.64 -15.88 3.67
C HIS A 160 10.75 -14.83 3.76
N PHE A 161 10.56 -13.67 3.14
CA PHE A 161 11.53 -12.58 3.24
C PHE A 161 11.65 -12.02 4.66
N LEU A 162 10.52 -11.78 5.32
CA LEU A 162 10.53 -11.07 6.60
C LEU A 162 11.09 -11.88 7.77
N GLU A 163 10.82 -13.18 7.76
CA GLU A 163 11.28 -14.09 8.84
C GLU A 163 12.80 -14.20 8.85
N ASN A 164 13.42 -13.87 7.71
CA ASN A 164 14.86 -13.92 7.56
C ASN A 164 15.57 -12.59 7.83
N GLN A 165 14.91 -11.67 8.52
CA GLN A 165 15.54 -10.43 8.99
C GLN A 165 15.09 -10.06 10.42
N SER A 166 15.51 -8.90 10.92
CA SER A 166 15.41 -8.58 12.35
C SER A 166 14.30 -7.62 12.83
N VAL A 167 13.80 -6.75 11.96
CA VAL A 167 12.75 -5.80 12.38
C VAL A 167 11.43 -6.54 12.61
N LYS A 168 10.79 -6.27 13.75
CA LYS A 168 9.55 -6.95 14.10
C LYS A 168 8.44 -6.63 13.11
N TYR A 169 7.55 -7.60 12.90
CA TYR A 169 6.46 -7.47 11.95
C TYR A 169 5.29 -8.32 12.42
N TYR A 170 4.09 -7.95 11.99
CA TYR A 170 2.88 -8.59 12.48
C TYR A 170 1.93 -8.86 11.33
N PHE A 171 1.47 -10.10 11.25
CA PHE A 171 0.46 -10.51 10.29
C PHE A 171 -0.88 -10.46 10.99
N GLY A 172 -1.86 -9.87 10.32
CA GLY A 172 -3.24 -9.87 10.83
C GLY A 172 -4.18 -8.91 10.13
N VAL A 173 -5.17 -8.45 10.90
CA VAL A 173 -6.26 -7.62 10.37
C VAL A 173 -5.96 -6.15 10.60
N VAL A 174 -6.16 -5.36 9.54
CA VAL A 174 -6.14 -3.90 9.66
C VAL A 174 -7.58 -3.39 9.42
N ARG A 175 -7.87 -2.19 9.89
CA ARG A 175 -9.13 -1.53 9.58
C ARG A 175 -8.86 -0.40 8.59
N SER A 176 -9.60 -0.35 7.46
CA SER A 176 -9.51 0.80 6.54
C SER A 176 -10.76 1.65 6.68
N HIS A 177 -10.62 2.97 6.75
CA HIS A 177 -11.76 3.84 7.04
C HIS A 177 -11.60 5.12 6.24
N ASP A 178 -12.57 6.01 6.33
CA ASP A 178 -12.61 7.23 5.54
C ASP A 178 -12.27 8.50 6.35
N SER A 179 -12.16 8.39 7.69
CA SER A 179 -11.78 9.53 8.55
C SER A 179 -11.34 9.13 9.96
N PHE A 180 -10.21 9.66 10.40
CA PHE A 180 -9.79 9.50 11.79
C PHE A 180 -10.07 10.74 12.64
N TYR A 181 -10.85 11.67 12.06
CA TYR A 181 -11.16 12.93 12.72
C TYR A 181 -12.58 13.04 13.24
N THR A 182 -13.36 11.95 13.24
CA THR A 182 -14.72 11.99 13.78
C THR A 182 -14.70 12.07 15.30
N ASP A 183 -15.78 12.52 15.90
CA ASP A 183 -15.81 12.71 17.36
C ASP A 183 -15.86 11.37 18.12
N GLU A 184 -16.14 10.30 17.39
CA GLU A 184 -16.21 8.93 17.93
C GLU A 184 -14.91 8.13 17.75
N GLU A 185 -13.85 8.82 17.31
CA GLU A 185 -12.54 8.20 17.06
C GLU A 185 -12.02 7.38 18.25
N ASP A 186 -12.11 7.95 19.45
CA ASP A 186 -11.68 7.29 20.69
C ASP A 186 -12.41 5.97 20.91
N GLN A 187 -13.73 6.01 20.79
CA GLN A 187 -14.56 4.83 20.95
C GLN A 187 -14.27 3.76 19.90
N LEU A 188 -14.07 4.18 18.64
CA LEU A 188 -13.63 3.28 17.56
C LEU A 188 -12.32 2.58 17.88
N CYS A 189 -11.33 3.36 18.33
CA CYS A 189 -10.01 2.84 18.68
C CYS A 189 -10.10 1.73 19.74
N GLN A 190 -10.85 1.98 20.80
CA GLN A 190 -10.99 1.03 21.91
C GLN A 190 -11.74 -0.24 21.48
N TYR A 191 -12.81 -0.05 20.71
CA TYR A 191 -13.59 -1.17 20.19
C TYR A 191 -12.73 -2.06 19.28
N TRP A 192 -12.02 -1.45 18.35
CA TRP A 192 -11.21 -2.22 17.41
C TRP A 192 -9.94 -2.83 18.02
N ASN A 193 -9.38 -2.15 19.03
CA ASN A 193 -8.28 -2.75 19.78
C ASN A 193 -8.74 -4.04 20.47
N LYS A 194 -9.92 -4.01 21.07
CA LYS A 194 -10.47 -5.20 21.74
C LYS A 194 -10.76 -6.35 20.76
N LYS A 195 -11.10 -6.02 19.51
CA LYS A 195 -11.33 -7.04 18.50
C LYS A 195 -10.02 -7.62 17.93
N GLY A 196 -8.88 -7.09 18.35
CA GLY A 196 -7.58 -7.63 17.90
C GLY A 196 -7.00 -7.07 16.61
N ILE A 197 -7.58 -5.97 16.11
CA ILE A 197 -7.07 -5.29 14.91
C ILE A 197 -5.65 -4.74 15.17
N LEU A 198 -4.75 -4.88 14.21
CA LEU A 198 -3.35 -4.49 14.40
C LEU A 198 -3.08 -3.00 14.19
N GLY A 199 -3.74 -2.43 13.19
CA GLY A 199 -3.53 -1.07 12.79
C GLY A 199 -4.63 -0.61 11.86
N ALA A 200 -4.60 0.66 11.50
CA ALA A 200 -5.61 1.24 10.63
C ALA A 200 -4.96 2.03 9.50
N ASP A 201 -5.53 1.93 8.30
CA ASP A 201 -5.14 2.87 7.25
C ASP A 201 -6.41 3.33 6.52
N MSE A 202 -6.28 3.90 5.33
CA MSE A 202 -7.46 4.40 4.64
C MSE A 202 -7.71 3.75 3.29
O MSE A 202 -8.68 4.10 2.61
CB MSE A 202 -7.37 5.93 4.55
CG MSE A 202 -7.36 6.54 5.98
SE MSE A 202 -7.19 8.51 5.90
CE MSE A 202 -9.00 9.03 5.41
N GLU A 203 -6.88 2.77 2.92
CA GLU A 203 -6.78 2.34 1.51
C GLU A 203 -6.77 0.81 1.31
N THR A 204 -6.23 0.09 2.29
CA THR A 204 -5.99 -1.36 2.12
C THR A 204 -7.22 -2.18 1.73
N SER A 205 -8.34 -2.01 2.45
CA SER A 205 -9.55 -2.80 2.11
C SER A 205 -10.07 -2.52 0.67
N ALA A 206 -9.88 -1.29 0.21
CA ALA A 206 -10.29 -0.92 -1.16
C ALA A 206 -9.44 -1.64 -2.22
N LEU A 207 -8.13 -1.64 -2.02
CA LEU A 207 -7.25 -2.40 -2.90
C LEU A 207 -7.61 -3.90 -2.94
N PHE A 208 -7.83 -4.49 -1.75
CA PHE A 208 -8.15 -5.92 -1.64
C PHE A 208 -9.49 -6.26 -2.27
N THR A 209 -10.49 -5.41 -2.14
CA THR A 209 -11.82 -5.72 -2.63
C THR A 209 -11.86 -5.50 -4.15
N VAL A 210 -11.60 -4.26 -4.60
CA VAL A 210 -11.64 -3.93 -6.02
C VAL A 210 -10.59 -4.73 -6.81
N GLY A 211 -9.37 -4.78 -6.28
CA GLY A 211 -8.28 -5.58 -6.85
C GLY A 211 -8.67 -7.04 -7.11
N ARG A 212 -9.18 -7.71 -6.08
CA ARG A 212 -9.58 -9.11 -6.24
C ARG A 212 -10.73 -9.28 -7.24
N LEU A 213 -11.71 -8.37 -7.18
CA LEU A 213 -12.82 -8.42 -8.14
C LEU A 213 -12.36 -8.26 -9.59
N ARG A 214 -11.26 -7.53 -9.79
CA ARG A 214 -10.63 -7.39 -11.11
C ARG A 214 -9.62 -8.48 -11.44
N GLY A 215 -9.54 -9.51 -10.59
CA GLY A 215 -8.64 -10.64 -10.84
C GLY A 215 -7.18 -10.39 -10.52
N LEU A 216 -6.91 -9.38 -9.70
CA LEU A 216 -5.52 -9.06 -9.31
C LEU A 216 -5.04 -9.82 -8.08
N GLN A 217 -3.78 -10.19 -8.08
CA GLN A 217 -3.12 -10.60 -6.83
C GLN A 217 -2.76 -9.33 -6.05
N VAL A 218 -3.08 -9.32 -4.76
CA VAL A 218 -2.97 -8.09 -3.93
C VAL A 218 -2.36 -8.40 -2.59
N ALA A 219 -1.68 -7.41 -2.02
CA ALA A 219 -1.13 -7.52 -0.65
C ALA A 219 -0.83 -6.10 -0.22
N SER A 220 -0.58 -5.94 1.07
CA SER A 220 -0.37 -4.64 1.64
C SER A 220 0.59 -4.76 2.82
N ILE A 221 1.65 -3.98 2.75
CA ILE A 221 2.71 -3.97 3.76
C ILE A 221 2.75 -2.56 4.30
N LEU A 222 2.57 -2.43 5.62
CA LEU A 222 2.36 -1.11 6.17
C LEU A 222 3.38 -0.79 7.25
N ASN A 223 4.01 0.36 7.08
CA ASN A 223 4.91 0.92 8.05
C ASN A 223 4.11 1.54 9.19
N ASN A 224 4.43 1.18 10.43
CA ASN A 224 3.75 1.84 11.53
C ASN A 224 4.30 3.23 11.85
N VAL A 225 3.41 4.22 11.75
CA VAL A 225 3.79 5.63 11.95
C VAL A 225 3.03 6.32 13.08
N VAL A 226 2.24 5.57 13.85
CA VAL A 226 1.56 6.11 15.05
C VAL A 226 1.53 5.03 16.11
N LEU A 227 1.95 5.38 17.32
CA LEU A 227 1.79 4.50 18.46
C LEU A 227 0.33 4.48 18.88
N TYR A 228 -0.12 3.34 19.43
CA TYR A 228 -1.51 3.24 19.89
C TYR A 228 -1.65 4.20 21.08
N GLN A 229 -0.64 4.18 21.94
CA GLN A 229 -0.34 5.25 22.91
C GLN A 229 0.67 4.76 23.96
N GLU A 234 7.65 14.29 24.09
CA GLU A 234 8.95 13.70 23.76
C GLU A 234 9.93 14.74 23.22
N GLY A 235 11.21 14.55 23.53
CA GLY A 235 12.27 15.48 23.13
C GLY A 235 12.65 15.42 21.67
N VAL A 236 13.51 16.35 21.25
CA VAL A 236 13.99 16.46 19.87
C VAL A 236 14.76 15.20 19.44
N ASN A 237 15.52 14.65 20.38
CA ASN A 237 16.31 13.44 20.16
C ASN A 237 15.45 12.22 19.80
N GLN A 238 14.47 11.93 20.64
CA GLN A 238 13.51 10.84 20.41
C GLN A 238 12.76 11.04 19.09
N TYR A 239 12.39 12.28 18.82
CA TYR A 239 11.73 12.69 17.57
C TYR A 239 12.57 12.31 16.34
N VAL A 240 13.87 12.58 16.42
CA VAL A 240 14.82 12.23 15.34
C VAL A 240 14.94 10.70 15.24
N ASN A 241 15.11 10.04 16.39
CA ASN A 241 15.17 8.58 16.46
C ASN A 241 13.92 7.94 15.83
N ASP A 242 12.76 8.51 16.16
CA ASP A 242 11.48 8.01 15.65
C ASP A 242 11.38 8.17 14.14
N ASN A 243 11.80 9.33 13.62
CA ASN A 243 11.79 9.58 12.19
C ASN A 243 12.66 8.59 11.42
N LYS A 244 13.84 8.31 11.98
CA LYS A 244 14.78 7.34 11.40
C LYS A 244 14.20 5.92 11.44
N ALA A 245 13.59 5.56 12.57
CA ALA A 245 12.93 4.25 12.67
C ALA A 245 11.86 4.13 11.55
N MSE A 246 11.05 5.16 11.38
CA MSE A 246 9.99 5.20 10.38
C MSE A 246 10.53 5.14 8.96
O MSE A 246 9.95 4.44 8.11
CB MSE A 246 9.11 6.42 10.64
CG MSE A 246 8.20 6.19 11.86
SE MSE A 246 6.86 7.61 12.04
CE MSE A 246 8.01 9.15 12.50
N MSE A 247 11.61 5.85 8.67
CA MSE A 247 12.27 5.75 7.34
C MSE A 247 12.81 4.37 7.10
O MSE A 247 12.72 3.84 5.99
CB MSE A 247 13.40 6.78 7.17
CG MSE A 247 12.91 8.12 6.64
SE MSE A 247 12.07 7.96 4.85
CE MSE A 247 10.23 8.27 5.48
N ASN A 248 13.38 3.75 8.13
CA ASN A 248 13.85 2.38 8.05
C ASN A 248 12.73 1.38 7.75
N GLY A 249 11.59 1.54 8.41
CA GLY A 249 10.43 0.70 8.17
C GLY A 249 9.96 0.83 6.73
N GLU A 250 9.92 2.07 6.24
CA GLU A 250 9.46 2.34 4.88
C GLU A 250 10.38 1.64 3.86
N ARG A 251 11.69 1.74 4.09
CA ARG A 251 12.66 1.10 3.23
C ARG A 251 12.49 -0.41 3.29
N LEU A 252 12.27 -0.96 4.48
CA LEU A 252 12.04 -2.41 4.61
C LEU A 252 10.77 -2.87 3.88
N ALA A 253 9.71 -2.06 3.98
CA ALA A 253 8.45 -2.41 3.34
C ALA A 253 8.63 -2.44 1.81
N ALA A 254 9.32 -1.44 1.28
CA ALA A 254 9.57 -1.33 -0.16
C ALA A 254 10.41 -2.50 -0.65
N ILE A 255 11.49 -2.80 0.07
CA ILE A 255 12.36 -3.89 -0.32
C ILE A 255 11.62 -5.23 -0.31
N THR A 256 10.81 -5.46 0.72
CA THR A 256 10.00 -6.67 0.83
C THR A 256 9.07 -6.82 -0.40
N ALA A 257 8.47 -5.71 -0.85
CA ALA A 257 7.56 -5.72 -1.99
C ALA A 257 8.31 -6.00 -3.29
N LEU A 258 9.47 -5.34 -3.46
CA LEU A 258 10.34 -5.57 -4.62
C LEU A 258 10.85 -7.03 -4.70
N GLU A 259 11.33 -7.54 -3.57
CA GLU A 259 11.80 -8.93 -3.49
C GLU A 259 10.67 -9.91 -3.82
N THR A 260 9.46 -9.61 -3.34
CA THR A 260 8.28 -10.43 -3.60
C THR A 260 7.88 -10.39 -5.09
N LEU A 261 7.87 -9.19 -5.69
CA LEU A 261 7.38 -9.06 -7.05
C LEU A 261 8.35 -9.61 -8.10
N CYS A 262 9.65 -9.48 -7.85
CA CYS A 262 10.64 -10.02 -8.79
C CYS A 262 10.71 -11.56 -8.80
N LYS A 263 10.05 -12.18 -7.82
CA LYS A 263 10.02 -13.64 -7.69
C LYS A 263 8.75 -14.28 -8.28
N GLN A 264 7.95 -13.50 -9.01
CA GLN A 264 6.68 -14.00 -9.54
C GLN A 264 6.80 -14.61 -10.93
S SO4 B . 0.31 6.10 2.81
O1 SO4 B . 1.53 6.57 3.50
O2 SO4 B . -0.50 5.25 3.68
O3 SO4 B . -0.47 7.26 2.35
O4 SO4 B . 0.76 5.31 1.65
S DMS C . 3.07 -12.77 13.29
O DMS C . 2.00 -11.78 13.04
C1 DMS C . 4.14 -12.82 11.98
C2 DMS C . 4.11 -12.12 14.49
S DMS D . 18.95 -4.23 -8.34
O DMS D . 18.39 -5.35 -9.13
C1 DMS D . 17.79 -2.99 -8.23
C2 DMS D . 19.11 -4.67 -6.70
S DMS E . 12.61 -11.67 13.91
O DMS E . 11.57 -10.67 13.56
C1 DMS E . 12.24 -12.32 15.44
C2 DMS E . 12.40 -13.03 12.91
S DMS F . -23.61 -2.01 -4.83
O DMS F . -23.35 -3.05 -3.81
C1 DMS F . -25.09 -2.36 -5.60
C2 DMS F . -24.00 -0.53 -4.07
S DMS G . 9.03 14.13 -10.12
O DMS G . 9.41 13.24 -9.01
C1 DMS G . 7.84 13.40 -11.10
C2 DMS G . 8.13 15.45 -9.52
S DMS H . 8.93 -8.22 -16.79
O DMS H . 10.04 -7.99 -15.84
C1 DMS H . 8.29 -9.79 -16.55
C2 DMS H . 7.57 -7.29 -16.37
S DMS I . 6.59 -3.46 -19.47
O DMS I . 6.62 -2.62 -18.26
C1 DMS I . 6.23 -5.08 -19.05
C2 DMS I . 5.16 -3.10 -20.36
S DMS J . -12.75 -12.19 -10.56
O DMS J . -12.29 -13.47 -9.99
C1 DMS J . -11.77 -11.79 -11.92
C2 DMS J . -14.22 -12.40 -11.40
S DMS K . 15.47 13.10 24.77
O DMS K . 14.79 12.81 23.48
C1 DMS K . 16.75 12.00 25.01
C2 DMS K . 16.33 14.56 24.63
S DMS L . 1.00 -6.82 18.98
O DMS L . -0.13 -6.70 19.93
C1 DMS L . 2.46 -6.67 19.84
C2 DMS L . 1.10 -8.44 18.45
S DMS M . 21.93 12.42 22.72
O DMS M . 20.71 12.80 23.48
C1 DMS M . 22.40 13.72 21.72
C2 DMS M . 23.28 12.35 23.77
S DMS N . -1.59 9.52 5.98
O DMS N . -1.37 8.06 6.00
C1 DMS N . -3.13 9.87 6.66
C2 DMS N . -0.55 10.25 7.13
S DMS O . -19.05 0.84 17.46
O DMS O . -17.67 0.81 16.92
C1 DMS O . -19.80 -0.67 17.22
C2 DMS O . -19.00 0.89 19.17
#